data_2C49
#
_entry.id   2C49
#
_cell.length_a   64.006
_cell.length_b   83.131
_cell.length_c   146.784
_cell.angle_alpha   90.00
_cell.angle_beta   90.00
_cell.angle_gamma   90.00
#
_symmetry.space_group_name_H-M   'P 21 21 21'
#
loop_
_entity.id
_entity.type
_entity.pdbx_description
1 polymer 'SUGAR KINASE MJ0406'
2 non-polymer ADENOSINE
3 non-polymer 'MAGNESIUM ION'
4 non-polymer 'PHOSPHOAMINOPHOSPHONIC ACID-ADENYLATE ESTER'
5 water water
#
_entity_poly.entity_id   1
_entity_poly.type   'polypeptide(L)'
_entity_poly.pdbx_seq_one_letter_code
;MGGKMEKITCVGHTALDYIFNVEKFPEPNTSIQIPSARKYYGGAAANTAVGIKKLGVNSELLSCVGYDFKNSGYERYLKN
LDINISKLYYSEEEETPKAWIFTDKDNNQITFFLWGAAKHYKELNPPNFNTEIVHIATGDPEFNLKCAKKAYGNNLVSFD
PGQDLPQYSKEMLLEIIEHTNFLFMNKHEFERASNLLNFEIDDYLERVDALIVTKGSKGSVIYTKDKKIEIPCIKAGKVI
DPTGAGDSYRAGFLSAYVKGYDLEKCGLIGAATASFVVEAKGCQTNLPTWDKVVERLEKHRI
;
_entity_poly.pdbx_strand_id   A,B
#
loop_
_chem_comp.id
_chem_comp.type
_chem_comp.name
_chem_comp.formula
ADN non-polymer ADENOSINE 'C10 H13 N5 O4'
ANP non-polymer 'PHOSPHOAMINOPHOSPHONIC ACID-ADENYLATE ESTER' 'C10 H17 N6 O12 P3'
MG non-polymer 'MAGNESIUM ION' 'Mg 2'
#
# COMPACT_ATOMS: atom_id res chain seq x y z
N GLY A 3 -5.92 40.39 -2.94
CA GLY A 3 -6.83 39.22 -2.79
C GLY A 3 -8.01 39.56 -1.91
N LYS A 4 -9.22 39.32 -2.42
CA LYS A 4 -10.43 39.96 -1.89
C LYS A 4 -11.71 39.11 -2.01
N MET A 5 -11.63 38.03 -2.77
CA MET A 5 -12.75 37.08 -2.87
C MET A 5 -12.89 36.32 -1.57
N GLU A 6 -14.13 36.18 -1.09
CA GLU A 6 -14.45 35.42 0.12
C GLU A 6 -14.29 33.95 -0.22
N LYS A 7 -13.01 33.56 -0.35
CA LYS A 7 -12.66 32.30 -0.93
C LYS A 7 -11.31 31.99 -0.28
N ILE A 8 -10.99 30.72 -0.24
CA ILE A 8 -9.71 30.31 0.31
C ILE A 8 -8.99 29.46 -0.73
N THR A 9 -7.72 29.74 -0.94
CA THR A 9 -6.89 28.87 -1.78
C THR A 9 -6.17 27.89 -0.87
N CYS A 10 -6.20 26.60 -1.24
CA CYS A 10 -5.47 25.55 -0.52
C CYS A 10 -4.38 25.04 -1.48
N VAL A 11 -3.16 25.07 -1.00
CA VAL A 11 -1.97 24.67 -1.76
C VAL A 11 -1.36 23.51 -1.06
N GLY A 12 -1.03 22.45 -1.83
CA GLY A 12 -0.39 21.26 -1.24
C GLY A 12 -1.00 20.00 -1.85
N HIS A 13 -0.73 18.87 -1.22
CA HIS A 13 -1.07 17.59 -1.82
C HIS A 13 -2.56 17.30 -1.92
N THR A 14 -2.92 16.74 -3.06
CA THR A 14 -4.08 15.90 -3.26
C THR A 14 -3.59 14.45 -3.37
N ALA A 15 -4.23 13.54 -2.66
CA ALA A 15 -3.68 12.18 -2.55
C ALA A 15 -4.77 11.15 -2.37
N LEU A 16 -4.46 9.89 -2.67
CA LEU A 16 -5.29 8.74 -2.32
C LEU A 16 -4.67 8.02 -1.10
N ASP A 17 -5.51 7.76 -0.11
CA ASP A 17 -5.10 7.29 1.18
C ASP A 17 -5.60 5.86 1.41
N TYR A 18 -4.71 5.04 1.94
CA TYR A 18 -5.07 3.79 2.59
C TYR A 18 -4.92 4.06 4.08
N ILE A 19 -5.90 3.66 4.89
CA ILE A 19 -5.88 3.96 6.34
C ILE A 19 -6.12 2.65 7.10
N PHE A 20 -5.19 2.27 7.98
CA PHE A 20 -5.25 0.98 8.68
C PHE A 20 -5.20 1.12 10.21
N ASN A 21 -6.01 0.28 10.87
CA ASN A 21 -6.00 0.11 12.30
C ASN A 21 -5.17 -1.11 12.64
N VAL A 22 -4.21 -0.89 13.54
CA VAL A 22 -3.40 -1.97 14.10
C VAL A 22 -3.42 -1.80 15.62
N GLU A 23 -3.16 -2.87 16.35
CA GLU A 23 -3.09 -2.78 17.79
C GLU A 23 -1.80 -2.07 18.18
N LYS A 24 -0.70 -2.51 17.59
CA LYS A 24 0.61 -1.95 17.79
C LYS A 24 1.25 -1.90 16.41
N PHE A 25 2.15 -0.93 16.22
CA PHE A 25 2.91 -0.81 14.98
C PHE A 25 3.87 -1.98 14.81
N PRO A 26 3.99 -2.51 13.59
CA PRO A 26 4.88 -3.66 13.33
C PRO A 26 6.33 -3.29 13.57
N GLU A 27 7.12 -4.25 14.05
CA GLU A 27 8.54 -4.05 14.22
C GLU A 27 9.21 -4.37 12.89
N PRO A 28 10.42 -3.87 12.69
CA PRO A 28 11.31 -4.34 11.62
C PRO A 28 11.30 -5.87 11.43
N ASN A 29 11.23 -6.29 10.18
CA ASN A 29 11.43 -7.70 9.79
C ASN A 29 10.29 -8.64 10.18
N THR A 30 9.08 -8.21 9.83
CA THR A 30 7.84 -8.76 10.36
C THR A 30 6.78 -8.53 9.27
N SER A 31 5.78 -9.40 9.21
CA SER A 31 4.69 -9.22 8.25
C SER A 31 3.36 -9.25 8.96
N ILE A 32 2.44 -8.46 8.43
CA ILE A 32 1.10 -8.35 8.96
C ILE A 32 0.13 -8.55 7.77
N GLN A 33 -0.95 -9.29 7.98
CA GLN A 33 -2.02 -9.37 6.99
C GLN A 33 -3.13 -8.39 7.33
N ILE A 34 -3.56 -7.64 6.32
CA ILE A 34 -4.68 -6.73 6.43
C ILE A 34 -5.90 -7.39 5.76
N PRO A 35 -6.96 -7.71 6.51
CA PRO A 35 -8.15 -8.32 5.91
C PRO A 35 -8.69 -7.53 4.69
N SER A 36 -8.85 -6.22 4.83
CA SER A 36 -9.59 -5.43 3.84
C SER A 36 -9.10 -3.99 3.78
N ALA A 37 -8.92 -3.46 2.56
CA ALA A 37 -8.54 -2.07 2.39
C ALA A 37 -9.21 -1.42 1.21
N ARG A 38 -9.36 -0.13 1.36
CA ARG A 38 -10.07 0.73 0.48
C ARG A 38 -9.28 2.04 0.37
N LYS A 39 -9.28 2.68 -0.79
CA LYS A 39 -8.59 3.98 -0.89
C LYS A 39 -9.59 5.06 -0.61
N TYR A 40 -9.13 6.12 0.06
CA TYR A 40 -9.98 7.27 0.38
C TYR A 40 -9.39 8.53 -0.24
N TYR A 41 -10.28 9.44 -0.64
CA TYR A 41 -9.90 10.76 -1.06
C TYR A 41 -9.18 11.46 0.11
N GLY A 42 -8.00 11.98 -0.17
CA GLY A 42 -7.08 12.47 0.84
C GLY A 42 -6.16 13.57 0.34
N GLY A 43 -5.05 13.78 1.05
CA GLY A 43 -4.14 14.87 0.79
C GLY A 43 -4.61 16.09 1.57
N ALA A 44 -3.75 16.61 2.44
CA ALA A 44 -4.07 17.76 3.30
C ALA A 44 -4.72 18.97 2.62
N ALA A 45 -4.21 19.35 1.45
CA ALA A 45 -4.74 20.55 0.83
C ALA A 45 -6.14 20.29 0.31
N ALA A 46 -6.32 19.13 -0.33
CA ALA A 46 -7.62 18.74 -0.87
C ALA A 46 -8.60 18.58 0.29
N ASN A 47 -8.15 17.95 1.40
CA ASN A 47 -9.03 17.66 2.53
C ASN A 47 -9.60 19.00 3.06
N THR A 48 -8.71 19.99 3.17
CA THR A 48 -9.07 21.31 3.66
C THR A 48 -9.98 22.02 2.67
N ALA A 49 -9.64 21.94 1.39
CA ALA A 49 -10.48 22.59 0.37
C ALA A 49 -11.92 22.04 0.34
N VAL A 50 -12.05 20.71 0.46
CA VAL A 50 -13.36 20.05 0.58
C VAL A 50 -14.11 20.44 1.88
N GLY A 51 -13.43 20.45 3.03
CA GLY A 51 -14.10 20.86 4.29
C GLY A 51 -14.56 22.31 4.26
N ILE A 52 -13.74 23.18 3.68
CA ILE A 52 -14.11 24.58 3.51
C ILE A 52 -15.39 24.71 2.69
N LYS A 53 -15.44 24.05 1.51
CA LYS A 53 -16.60 24.11 0.65
C LYS A 53 -17.83 23.59 1.37
N LYS A 54 -17.65 22.49 2.08
CA LYS A 54 -18.78 21.88 2.80
C LYS A 54 -19.32 22.86 3.83
N LEU A 55 -18.43 23.69 4.40
CA LEU A 55 -18.83 24.71 5.38
C LEU A 55 -19.42 25.98 4.74
N GLY A 56 -19.55 25.99 3.41
CA GLY A 56 -20.19 27.08 2.69
C GLY A 56 -19.29 28.25 2.30
N VAL A 57 -17.98 28.00 2.20
CA VAL A 57 -17.01 29.00 1.78
C VAL A 57 -16.40 28.48 0.48
N ASN A 58 -16.32 29.31 -0.56
CA ASN A 58 -15.73 28.87 -1.83
C ASN A 58 -14.25 28.59 -1.65
N SER A 59 -13.77 27.51 -2.29
CA SER A 59 -12.34 27.16 -2.18
C SER A 59 -11.80 26.81 -3.55
N GLU A 60 -10.50 26.96 -3.69
CA GLU A 60 -9.79 26.52 -4.87
C GLU A 60 -8.60 25.70 -4.41
N LEU A 61 -8.18 24.79 -5.28
CA LEU A 61 -7.11 23.85 -4.98
C LEU A 61 -5.98 23.98 -6.00
N LEU A 62 -4.77 24.01 -5.47
CA LEU A 62 -3.54 23.96 -6.26
C LEU A 62 -2.73 22.77 -5.79
N SER A 63 -2.57 21.76 -6.62
CA SER A 63 -1.80 20.56 -6.30
C SER A 63 -1.26 20.03 -7.59
N CYS A 64 -0.23 19.20 -7.46
CA CYS A 64 0.23 18.41 -8.59
C CYS A 64 -0.40 17.02 -8.50
N VAL A 65 -1.20 16.67 -9.52
CA VAL A 65 -1.80 15.34 -9.64
C VAL A 65 -1.23 14.53 -10.80
N GLY A 66 -1.52 13.23 -10.79
CA GLY A 66 -0.84 12.33 -11.69
C GLY A 66 -1.65 11.96 -12.91
N TYR A 67 -1.11 10.99 -13.67
CA TYR A 67 -1.83 10.40 -14.80
C TYR A 67 -3.11 9.67 -14.41
N ASP A 68 -3.21 9.29 -13.13
CA ASP A 68 -4.49 8.83 -12.56
C ASP A 68 -5.27 10.03 -11.97
N PHE A 69 -5.55 11.04 -12.79
CA PHE A 69 -6.41 12.13 -12.31
C PHE A 69 -7.38 12.70 -13.34
N LYS A 70 -6.86 13.23 -14.44
CA LYS A 70 -7.71 13.71 -15.53
C LYS A 70 -8.76 12.63 -15.85
N ASN A 71 -10.03 13.01 -15.71
CA ASN A 71 -11.16 12.11 -15.91
C ASN A 71 -11.24 10.90 -14.97
N SER A 72 -10.58 10.92 -13.81
CA SER A 72 -10.84 9.84 -12.85
C SER A 72 -11.91 10.23 -11.81
N GLY A 73 -12.13 9.34 -10.84
CA GLY A 73 -13.19 9.50 -9.86
C GLY A 73 -12.94 10.69 -8.94
N TYR A 74 -11.69 10.91 -8.57
CA TYR A 74 -11.34 12.05 -7.69
C TYR A 74 -11.65 13.38 -8.38
N GLU A 75 -11.25 13.53 -9.64
CA GLU A 75 -11.49 14.77 -10.36
C GLU A 75 -13.00 15.08 -10.46
N ARG A 76 -13.79 14.09 -10.85
CA ARG A 76 -15.23 14.27 -11.07
C ARG A 76 -15.94 14.64 -9.76
N TYR A 77 -15.44 14.06 -8.67
CA TYR A 77 -15.90 14.31 -7.31
C TYR A 77 -15.64 15.76 -6.87
N LEU A 78 -14.43 16.25 -7.10
CA LEU A 78 -14.09 17.64 -6.80
C LEU A 78 -14.91 18.59 -7.69
N LYS A 79 -15.07 18.24 -8.96
CA LYS A 79 -15.84 19.09 -9.86
C LYS A 79 -17.30 19.15 -9.44
N ASN A 80 -17.84 17.99 -9.06
CA ASN A 80 -19.20 17.94 -8.54
C ASN A 80 -19.38 18.81 -7.32
N LEU A 81 -18.31 18.90 -6.51
CA LEU A 81 -18.30 19.79 -5.34
C LEU A 81 -18.20 21.30 -5.64
N ASP A 82 -18.08 21.69 -6.92
CA ASP A 82 -17.84 23.10 -7.26
C ASP A 82 -16.57 23.67 -6.60
N ILE A 83 -15.54 22.82 -6.45
CA ILE A 83 -14.24 23.28 -5.97
C ILE A 83 -13.41 23.66 -7.17
N ASN A 84 -12.89 24.89 -7.17
CA ASN A 84 -12.14 25.39 -8.32
C ASN A 84 -10.85 24.57 -8.46
N ILE A 85 -10.76 23.72 -9.48
CA ILE A 85 -9.53 22.90 -9.66
C ILE A 85 -8.79 23.28 -10.94
N SER A 86 -9.07 24.51 -11.38
CA SER A 86 -8.53 24.98 -12.66
C SER A 86 -7.01 25.19 -12.63
N LYS A 87 -6.44 25.40 -11.46
CA LYS A 87 -5.00 25.63 -11.31
C LYS A 87 -4.20 24.32 -11.13
N LEU A 88 -4.85 23.14 -11.13
CA LEU A 88 -4.09 21.88 -10.90
C LEU A 88 -3.06 21.60 -11.99
N TYR A 89 -1.97 21.00 -11.58
CA TYR A 89 -1.00 20.49 -12.53
C TYR A 89 -1.15 18.97 -12.67
N TYR A 90 -1.44 18.53 -13.90
CA TYR A 90 -1.55 17.10 -14.23
C TYR A 90 -0.28 16.63 -14.89
N SER A 91 0.35 15.63 -14.29
CA SER A 91 1.58 15.05 -14.79
C SER A 91 1.24 14.17 -15.97
N GLU A 92 2.22 13.90 -16.80
CA GLU A 92 1.97 12.93 -17.86
C GLU A 92 2.58 11.56 -17.56
N GLU A 93 3.39 11.44 -16.54
CA GLU A 93 4.15 10.22 -16.25
C GLU A 93 4.21 9.85 -14.77
N GLU A 94 3.93 10.82 -13.86
CA GLU A 94 3.91 10.51 -12.45
C GLU A 94 2.51 10.19 -11.98
N GLU A 95 2.41 9.34 -10.97
CA GLU A 95 1.13 9.03 -10.35
C GLU A 95 0.73 10.04 -9.27
N THR A 96 -0.57 10.13 -9.02
CA THR A 96 -1.08 10.97 -7.94
C THR A 96 -0.38 10.50 -6.65
N PRO A 97 0.00 11.42 -5.75
CA PRO A 97 0.56 11.04 -4.45
C PRO A 97 -0.33 10.10 -3.64
N LYS A 98 0.30 9.25 -2.85
CA LYS A 98 -0.44 8.20 -2.13
C LYS A 98 0.11 8.04 -0.73
N ALA A 99 -0.80 7.80 0.22
CA ALA A 99 -0.42 7.67 1.62
C ALA A 99 -0.86 6.31 2.20
N TRP A 100 -0.01 5.71 3.01
CA TRP A 100 -0.35 4.52 3.81
C TRP A 100 -0.26 4.96 5.26
N ILE A 101 -1.41 4.95 5.92
CA ILE A 101 -1.58 5.53 7.25
C ILE A 101 -1.98 4.44 8.23
N PHE A 102 -1.18 4.32 9.29
CA PHE A 102 -1.40 3.29 10.30
C PHE A 102 -1.71 3.94 11.61
N THR A 103 -2.79 3.48 12.24
CA THR A 103 -3.23 3.99 13.51
C THR A 103 -3.18 2.86 14.55
N ASP A 104 -2.45 3.09 15.65
CA ASP A 104 -2.39 2.09 16.71
C ASP A 104 -3.52 2.28 17.72
N LYS A 105 -3.57 1.40 18.75
CA LYS A 105 -4.69 1.35 19.70
C LYS A 105 -4.82 2.60 20.57
N ASP A 106 -3.73 3.35 20.67
CA ASP A 106 -3.69 4.61 21.42
C ASP A 106 -3.79 5.80 20.45
N ASN A 107 -4.31 5.55 19.24
CA ASN A 107 -4.37 6.53 18.14
C ASN A 107 -3.11 7.37 17.87
N ASN A 108 -1.94 6.79 18.15
CA ASN A 108 -0.72 7.20 17.47
C ASN A 108 -0.82 6.80 16.00
N GLN A 109 -0.19 7.56 15.11
CA GLN A 109 -0.15 7.21 13.68
C GLN A 109 1.25 7.32 13.07
N ILE A 110 1.52 6.47 12.09
CA ILE A 110 2.72 6.60 11.30
C ILE A 110 2.25 6.66 9.86
N THR A 111 2.99 7.33 8.99
CA THR A 111 2.56 7.27 7.61
C THR A 111 3.75 7.08 6.70
N PHE A 112 3.45 6.54 5.53
CA PHE A 112 4.38 6.40 4.43
C PHE A 112 3.71 7.15 3.29
N PHE A 113 4.44 8.06 2.63
CA PHE A 113 3.85 8.93 1.63
C PHE A 113 4.71 8.89 0.37
N LEU A 114 4.06 8.51 -0.73
CA LEU A 114 4.68 8.43 -2.04
C LEU A 114 4.46 9.79 -2.73
N TRP A 115 5.57 10.44 -3.11
CA TRP A 115 5.60 11.83 -3.56
C TRP A 115 5.03 11.97 -4.98
N GLY A 116 5.38 11.02 -5.85
CA GLY A 116 4.85 10.97 -7.22
C GLY A 116 4.86 12.31 -7.92
N ALA A 117 3.69 12.74 -8.38
CA ALA A 117 3.54 13.99 -9.15
C ALA A 117 4.03 15.25 -8.43
N ALA A 118 4.16 15.18 -7.10
CA ALA A 118 4.63 16.36 -6.37
C ALA A 118 6.10 16.72 -6.67
N LYS A 119 6.80 15.83 -7.38
CA LYS A 119 8.08 16.19 -7.96
C LYS A 119 7.95 17.41 -8.91
N HIS A 120 6.77 17.61 -9.51
CA HIS A 120 6.61 18.69 -10.47
C HIS A 120 6.65 20.13 -9.85
N TYR A 121 6.48 20.24 -8.54
CA TYR A 121 6.42 21.55 -7.89
C TYR A 121 7.67 22.35 -8.18
N LYS A 122 8.82 21.67 -8.33
CA LYS A 122 10.09 22.35 -8.58
C LYS A 122 10.15 23.02 -9.94
N GLU A 123 9.17 22.71 -10.79
CA GLU A 123 9.12 23.22 -12.15
C GLU A 123 8.11 24.36 -12.27
N LEU A 124 7.38 24.62 -11.19
CA LEU A 124 6.23 25.49 -11.25
C LEU A 124 6.46 26.73 -10.43
N ASN A 125 5.71 27.77 -10.73
CA ASN A 125 5.65 28.93 -9.89
C ASN A 125 4.18 29.23 -9.57
N PRO A 126 3.90 29.83 -8.42
CA PRO A 126 2.51 30.17 -8.08
C PRO A 126 1.90 31.25 -8.98
N PRO A 127 0.57 31.22 -9.17
CA PRO A 127 -0.10 32.36 -9.83
C PRO A 127 -0.26 33.47 -8.82
N ASN A 128 -0.75 34.62 -9.28
CA ASN A 128 -1.27 35.60 -8.39
C ASN A 128 -2.47 34.89 -7.72
N PHE A 129 -2.75 35.25 -6.49
CA PHE A 129 -3.89 34.71 -5.77
C PHE A 129 -4.88 35.86 -5.55
N ASN A 130 -6.17 35.61 -5.74
CA ASN A 130 -7.13 36.66 -5.54
C ASN A 130 -8.09 36.36 -4.41
N THR A 131 -7.64 35.48 -3.52
CA THR A 131 -8.43 35.01 -2.40
C THR A 131 -8.06 35.75 -1.13
N GLU A 132 -8.93 35.73 -0.15
CA GLU A 132 -8.71 36.36 1.15
C GLU A 132 -7.63 35.62 1.93
N ILE A 133 -7.61 34.30 1.76
CA ILE A 133 -6.63 33.46 2.44
C ILE A 133 -6.01 32.45 1.50
N VAL A 134 -4.69 32.30 1.65
CA VAL A 134 -3.95 31.25 0.98
C VAL A 134 -3.48 30.36 2.08
N HIS A 135 -3.92 29.10 2.05
CA HIS A 135 -3.57 28.13 3.06
C HIS A 135 -2.65 27.09 2.47
N ILE A 136 -1.47 26.98 3.05
CA ILE A 136 -0.46 26.10 2.50
C ILE A 136 -0.45 24.86 3.43
N ALA A 137 -0.83 23.71 2.89
CA ALA A 137 -1.12 22.51 3.73
C ALA A 137 -0.32 21.36 3.23
N THR A 138 0.83 21.09 3.90
CA THR A 138 1.88 20.17 3.41
C THR A 138 2.44 20.64 2.07
N GLY A 139 3.24 19.77 1.47
CA GLY A 139 3.84 19.94 0.16
C GLY A 139 5.30 20.36 0.16
N ASP A 140 5.72 20.77 -1.00
CA ASP A 140 7.10 21.08 -1.30
C ASP A 140 7.57 22.39 -0.68
N PRO A 141 8.62 22.33 0.14
CA PRO A 141 9.14 23.52 0.85
C PRO A 141 9.45 24.72 -0.04
N GLU A 142 10.15 24.53 -1.16
CA GLU A 142 10.54 25.63 -2.06
C GLU A 142 9.32 26.27 -2.77
N PHE A 143 8.40 25.44 -3.24
CA PHE A 143 7.19 25.93 -3.85
C PHE A 143 6.31 26.64 -2.81
N ASN A 144 6.23 26.06 -1.62
CA ASN A 144 5.45 26.65 -0.55
C ASN A 144 5.98 28.02 -0.15
N LEU A 145 7.30 28.15 -0.13
CA LEU A 145 7.95 29.44 0.19
C LEU A 145 7.64 30.45 -0.93
N LYS A 146 7.67 30.03 -2.18
CA LYS A 146 7.24 30.90 -3.25
C LYS A 146 5.79 31.40 -3.01
N CYS A 147 4.91 30.50 -2.60
CA CYS A 147 3.50 30.85 -2.41
C CYS A 147 3.35 31.90 -1.30
N ALA A 148 4.03 31.65 -0.18
CA ALA A 148 3.98 32.51 0.98
C ALA A 148 4.56 33.89 0.67
N LYS A 149 5.69 33.93 -0.01
CA LYS A 149 6.29 35.20 -0.41
C LYS A 149 5.44 36.00 -1.41
N LYS A 150 4.81 35.26 -2.31
CA LYS A 150 3.86 35.78 -3.29
C LYS A 150 2.64 36.42 -2.60
N ALA A 151 2.10 35.72 -1.61
CA ALA A 151 0.82 36.07 -1.01
C ALA A 151 0.94 37.10 0.10
N TYR A 152 2.02 37.00 0.90
CA TYR A 152 2.17 37.79 2.14
C TYR A 152 2.05 39.30 1.97
N GLY A 153 1.17 39.90 2.77
CA GLY A 153 0.89 41.33 2.72
C GLY A 153 -0.17 41.67 1.66
N ASN A 154 -0.69 40.65 1.01
CA ASN A 154 -1.77 40.83 0.01
C ASN A 154 -2.91 39.95 0.42
N ASN A 155 -2.73 38.64 0.26
CA ASN A 155 -3.61 37.65 0.85
C ASN A 155 -3.08 37.26 2.23
N LEU A 156 -3.99 36.86 3.11
CA LEU A 156 -3.62 36.28 4.39
C LEU A 156 -3.03 34.92 4.12
N VAL A 157 -1.91 34.63 4.75
CA VAL A 157 -1.22 33.38 4.53
C VAL A 157 -1.40 32.51 5.74
N SER A 158 -1.96 31.33 5.54
CA SER A 158 -2.00 30.32 6.61
C SER A 158 -1.05 29.22 6.20
N PHE A 159 -0.33 28.68 7.16
CA PHE A 159 0.73 27.71 6.85
C PHE A 159 0.66 26.53 7.84
N ASP A 160 0.63 25.33 7.30
CA ASP A 160 0.56 24.10 8.08
C ASP A 160 1.45 23.07 7.37
N PRO A 161 2.74 23.09 7.68
CA PRO A 161 3.67 22.20 6.99
C PRO A 161 3.34 20.69 7.17
N GLY A 162 2.77 20.32 8.31
CA GLY A 162 2.26 18.99 8.58
C GLY A 162 3.31 17.89 8.52
N GLN A 163 2.90 16.77 7.92
CA GLN A 163 3.70 15.56 7.83
C GLN A 163 4.96 15.78 7.01
N ASP A 164 4.95 16.79 6.12
CA ASP A 164 6.16 17.11 5.33
C ASP A 164 7.21 17.99 6.02
N LEU A 165 6.96 18.34 7.26
CA LEU A 165 7.92 19.18 8.00
C LEU A 165 9.40 18.75 7.92
N PRO A 166 9.72 17.44 7.98
CA PRO A 166 11.14 17.01 7.96
C PRO A 166 11.89 17.52 6.72
N GLN A 167 11.15 17.87 5.67
CA GLN A 167 11.80 18.34 4.45
C GLN A 167 12.33 19.75 4.51
N TYR A 168 11.84 20.54 5.49
CA TYR A 168 12.27 21.92 5.67
C TYR A 168 13.60 22.00 6.39
N SER A 169 14.56 22.65 5.76
CA SER A 169 15.74 23.12 6.46
C SER A 169 15.29 24.20 7.44
N LYS A 170 16.12 24.46 8.45
CA LYS A 170 15.89 25.51 9.41
C LYS A 170 15.63 26.86 8.71
N GLU A 171 16.50 27.19 7.75
CA GLU A 171 16.48 28.46 7.01
C GLU A 171 15.20 28.68 6.20
N MET A 172 14.76 27.68 5.45
CA MET A 172 13.55 27.77 4.66
C MET A 172 12.30 27.81 5.54
N LEU A 173 12.35 27.08 6.66
CA LEU A 173 11.18 27.03 7.53
C LEU A 173 11.04 28.41 8.16
N LEU A 174 12.19 28.98 8.54
CA LEU A 174 12.18 30.29 9.14
C LEU A 174 11.61 31.32 8.16
N GLU A 175 12.09 31.30 6.93
CA GLU A 175 11.64 32.27 5.95
C GLU A 175 10.15 32.21 5.62
N ILE A 176 9.57 31.00 5.55
CA ILE A 176 8.15 30.86 5.32
C ILE A 176 7.35 31.42 6.53
N ILE A 177 7.83 31.16 7.73
CA ILE A 177 7.16 31.67 8.93
C ILE A 177 7.20 33.22 8.94
N GLU A 178 8.25 33.81 8.41
CA GLU A 178 8.33 35.25 8.36
C GLU A 178 7.32 35.83 7.35
N HIS A 179 6.77 34.96 6.50
CA HIS A 179 5.74 35.34 5.52
C HIS A 179 4.40 34.66 5.80
N THR A 180 4.11 34.45 7.09
CA THR A 180 2.94 33.70 7.52
C THR A 180 2.12 34.51 8.50
N ASN A 181 0.81 34.49 8.33
CA ASN A 181 -0.07 35.14 9.28
C ASN A 181 -0.56 34.17 10.32
N PHE A 182 -1.11 33.04 9.85
CA PHE A 182 -1.58 31.95 10.73
C PHE A 182 -0.73 30.74 10.56
N LEU A 183 -0.10 30.28 11.64
CA LEU A 183 0.72 29.09 11.65
C LEU A 183 0.02 28.00 12.49
N PHE A 184 -0.25 26.85 11.85
CA PHE A 184 -0.89 25.71 12.49
C PHE A 184 0.12 24.55 12.57
N MET A 185 0.23 23.95 13.75
CA MET A 185 1.01 22.72 13.94
C MET A 185 0.33 21.80 14.94
N ASN A 186 0.60 20.52 14.74
CA ASN A 186 0.31 19.45 15.65
C ASN A 186 1.20 19.66 16.84
N LYS A 187 0.91 19.02 17.97
CA LYS A 187 1.83 19.02 19.11
C LYS A 187 3.20 18.47 18.70
N HIS A 188 3.20 17.43 17.86
CA HIS A 188 4.44 16.76 17.42
C HIS A 188 5.29 17.64 16.50
N GLU A 189 4.62 18.22 15.51
CA GLU A 189 5.20 19.16 14.57
C GLU A 189 5.72 20.43 15.27
N PHE A 190 4.97 20.94 16.24
CA PHE A 190 5.38 22.13 16.96
C PHE A 190 6.68 21.84 17.74
N GLU A 191 6.78 20.66 18.33
CA GLU A 191 7.98 20.26 19.07
C GLU A 191 9.20 20.22 18.15
N ARG A 192 9.11 19.42 17.09
CA ARG A 192 10.19 19.32 16.11
C ARG A 192 10.55 20.68 15.55
N ALA A 193 9.54 21.43 15.11
CA ALA A 193 9.76 22.76 14.55
C ALA A 193 10.51 23.66 15.53
N SER A 194 10.08 23.65 16.78
CA SER A 194 10.72 24.46 17.81
C SER A 194 12.15 23.97 18.14
N ASN A 195 12.41 22.66 18.08
CA ASN A 195 13.79 22.19 18.26
C ASN A 195 14.64 22.68 17.08
N LEU A 196 14.15 22.50 15.85
CA LEU A 196 14.87 22.92 14.65
C LEU A 196 15.23 24.40 14.69
N LEU A 197 14.22 25.23 15.01
CA LEU A 197 14.37 26.68 14.99
C LEU A 197 14.99 27.25 16.22
N ASN A 198 15.07 26.42 17.26
CA ASN A 198 15.42 26.89 18.59
C ASN A 198 14.48 28.01 19.02
N PHE A 199 13.19 27.80 18.78
CA PHE A 199 12.20 28.85 19.05
C PHE A 199 11.38 28.53 20.31
N GLU A 200 11.08 29.57 21.09
CA GLU A 200 10.02 29.54 22.12
C GLU A 200 8.76 30.17 21.51
N ILE A 201 7.60 30.05 22.17
CA ILE A 201 6.35 30.64 21.65
C ILE A 201 6.51 32.09 21.16
N ASP A 202 7.15 32.94 21.98
CA ASP A 202 7.30 34.36 21.64
C ASP A 202 8.13 34.62 20.36
N ASP A 203 9.04 33.72 20.00
CA ASP A 203 9.76 33.87 18.72
C ASP A 203 8.83 33.78 17.53
N TYR A 204 7.91 32.81 17.59
CA TYR A 204 6.91 32.66 16.56
C TYR A 204 6.08 33.93 16.49
N LEU A 205 5.64 34.40 17.67
CA LEU A 205 4.76 35.56 17.75
C LEU A 205 5.40 36.90 17.31
N GLU A 206 6.72 36.97 17.25
CA GLU A 206 7.38 38.08 16.60
C GLU A 206 7.16 38.12 15.09
N ARG A 207 6.83 36.96 14.50
CA ARG A 207 6.69 36.83 13.04
C ARG A 207 5.28 36.64 12.53
N VAL A 208 4.46 35.95 13.30
CA VAL A 208 3.11 35.59 12.85
C VAL A 208 2.07 36.30 13.68
N ASP A 209 0.83 36.35 13.19
CA ASP A 209 -0.32 36.91 13.92
C ASP A 209 -0.95 35.93 14.88
N ALA A 210 -0.95 34.66 14.53
CA ALA A 210 -1.55 33.64 15.39
C ALA A 210 -0.81 32.35 15.21
N LEU A 211 -0.51 31.69 16.32
CA LEU A 211 0.14 30.39 16.28
C LEU A 211 -0.89 29.45 16.85
N ILE A 212 -1.30 28.46 16.09
CA ILE A 212 -2.30 27.51 16.60
C ILE A 212 -1.66 26.15 16.80
N VAL A 213 -1.60 25.67 18.05
CA VAL A 213 -1.02 24.38 18.30
C VAL A 213 -2.11 23.42 18.72
N THR A 214 -2.36 22.38 17.92
CA THR A 214 -3.38 21.40 18.33
C THR A 214 -2.75 20.30 19.16
N LYS A 215 -3.56 19.69 20.01
CA LYS A 215 -3.13 18.61 20.86
C LYS A 215 -4.20 17.53 20.92
N GLY A 216 -4.73 17.19 19.74
CA GLY A 216 -5.61 16.03 19.60
C GLY A 216 -6.77 16.08 20.57
N SER A 217 -6.97 14.99 21.31
CA SER A 217 -8.06 14.88 22.27
C SER A 217 -7.96 15.83 23.48
N LYS A 218 -6.85 16.56 23.58
CA LYS A 218 -6.70 17.57 24.64
C LYS A 218 -7.11 18.96 24.16
N GLY A 219 -7.60 19.06 22.91
CA GLY A 219 -8.02 20.33 22.34
C GLY A 219 -6.90 21.04 21.60
N SER A 220 -6.78 22.35 21.85
CA SER A 220 -5.81 23.18 21.13
C SER A 220 -5.67 24.51 21.85
N VAL A 221 -4.66 25.27 21.43
CA VAL A 221 -4.39 26.58 21.99
C VAL A 221 -4.04 27.56 20.85
N ILE A 222 -4.63 28.76 20.92
CA ILE A 222 -4.29 29.82 19.98
C ILE A 222 -3.48 30.88 20.72
N TYR A 223 -2.26 31.14 20.25
CA TYR A 223 -1.42 32.19 20.81
C TYR A 223 -1.41 33.38 19.88
N THR A 224 -1.68 34.57 20.40
CA THR A 224 -1.46 35.79 19.61
C THR A 224 -0.47 36.64 20.42
N LYS A 225 -0.08 37.78 19.85
CA LYS A 225 0.81 38.71 20.53
C LYS A 225 0.21 39.18 21.87
N ASP A 226 -1.12 39.19 21.94
CA ASP A 226 -1.81 39.68 23.11
C ASP A 226 -2.17 38.62 24.13
N LYS A 227 -2.55 37.43 23.67
CA LYS A 227 -3.19 36.48 24.58
C LYS A 227 -3.05 35.02 24.24
N LYS A 228 -3.44 34.18 25.19
CA LYS A 228 -3.37 32.75 24.99
C LYS A 228 -4.81 32.30 25.09
N ILE A 229 -5.33 31.67 24.04
CA ILE A 229 -6.72 31.24 24.05
C ILE A 229 -6.76 29.71 24.05
N GLU A 230 -7.33 29.13 25.10
CA GLU A 230 -7.44 27.67 25.20
C GLU A 230 -8.74 27.18 24.58
N ILE A 231 -8.61 26.24 23.64
CA ILE A 231 -9.76 25.66 22.93
C ILE A 231 -9.97 24.19 23.34
N PRO A 232 -11.14 23.87 23.88
CA PRO A 232 -11.42 22.51 24.36
C PRO A 232 -11.53 21.54 23.20
N CYS A 233 -11.33 20.27 23.49
CA CYS A 233 -11.71 19.23 22.55
C CYS A 233 -13.21 19.06 22.70
N ILE A 234 -13.90 19.02 21.57
CA ILE A 234 -15.34 18.90 21.56
C ILE A 234 -15.61 17.45 21.27
N LYS A 235 -16.32 16.79 22.20
CA LYS A 235 -16.69 15.41 22.03
C LYS A 235 -17.22 15.11 20.60
N ALA A 236 -16.76 13.98 20.07
CA ALA A 236 -17.38 13.37 18.92
C ALA A 236 -18.34 12.26 19.42
N GLY A 237 -19.17 11.62 18.52
CA GLY A 237 -19.93 10.39 18.70
C GLY A 237 -19.17 9.21 18.13
N LYS A 238 -18.57 8.40 19.01
CA LYS A 238 -17.76 7.24 18.61
C LYS A 238 -16.61 7.58 17.65
N VAL A 239 -15.39 7.64 18.20
CA VAL A 239 -14.18 7.93 17.40
C VAL A 239 -13.78 6.70 16.57
N ILE A 240 -13.79 6.89 15.23
CA ILE A 240 -13.50 5.78 14.33
C ILE A 240 -12.10 5.92 13.74
N ASP A 241 -11.76 7.16 13.35
CA ASP A 241 -10.51 7.45 12.64
C ASP A 241 -10.05 8.90 12.90
N PRO A 242 -8.90 9.08 13.57
CA PRO A 242 -8.37 10.43 13.86
C PRO A 242 -7.74 11.15 12.66
N THR A 243 -7.54 10.45 11.55
CA THR A 243 -6.77 10.97 10.40
C THR A 243 -7.23 12.35 9.88
N GLY A 244 -8.52 12.52 9.63
CA GLY A 244 -8.98 13.80 9.07
C GLY A 244 -9.09 14.95 10.08
N ALA A 245 -8.88 14.69 11.38
CA ALA A 245 -9.07 15.72 12.41
C ALA A 245 -8.28 17.00 12.14
N GLY A 246 -7.02 16.88 11.75
CA GLY A 246 -6.12 18.03 11.66
C GLY A 246 -6.57 18.99 10.56
N ASP A 247 -6.71 18.46 9.36
CA ASP A 247 -7.14 19.29 8.25
C ASP A 247 -8.55 19.87 8.41
N SER A 248 -9.49 19.11 8.99
CA SER A 248 -10.87 19.62 9.13
C SER A 248 -10.92 20.73 10.20
N TYR A 249 -10.03 20.67 11.18
CA TYR A 249 -9.86 21.77 12.13
C TYR A 249 -9.45 23.07 11.39
N ARG A 250 -8.43 22.99 10.51
CA ARG A 250 -8.07 24.15 9.69
C ARG A 250 -9.20 24.61 8.81
N ALA A 251 -9.96 23.66 8.23
CA ALA A 251 -11.11 24.02 7.37
C ALA A 251 -12.13 24.83 8.21
N GLY A 252 -12.42 24.34 9.41
CA GLY A 252 -13.39 25.02 10.29
C GLY A 252 -12.86 26.40 10.74
N PHE A 253 -11.62 26.43 11.24
CA PHE A 253 -11.00 27.66 11.69
C PHE A 253 -10.98 28.74 10.58
N LEU A 254 -10.53 28.35 9.41
CA LEU A 254 -10.38 29.33 8.31
C LEU A 254 -11.69 29.73 7.69
N SER A 255 -12.64 28.78 7.62
CA SER A 255 -14.00 29.12 7.15
C SER A 255 -14.67 30.17 8.05
N ALA A 256 -14.57 29.94 9.35
CA ALA A 256 -15.14 30.83 10.36
C ALA A 256 -14.43 32.20 10.26
N TYR A 257 -13.14 32.19 9.96
CA TYR A 257 -12.43 33.46 9.86
C TYR A 257 -12.97 34.30 8.71
N VAL A 258 -13.15 33.66 7.54
CA VAL A 258 -13.67 34.32 6.35
C VAL A 258 -15.08 34.80 6.61
N LYS A 259 -15.83 34.02 7.42
CA LYS A 259 -17.21 34.41 7.77
C LYS A 259 -17.24 35.50 8.82
N GLY A 260 -16.07 35.93 9.27
CA GLY A 260 -15.91 37.13 10.08
C GLY A 260 -15.92 36.96 11.60
N TYR A 261 -15.66 35.75 12.09
CA TYR A 261 -15.75 35.50 13.54
C TYR A 261 -14.38 35.66 14.16
N ASP A 262 -14.34 35.89 15.46
CA ASP A 262 -13.08 36.20 16.15
C ASP A 262 -12.27 34.90 16.36
N LEU A 263 -11.00 35.03 16.75
CA LEU A 263 -10.08 33.86 16.75
C LEU A 263 -10.55 32.74 17.65
N GLU A 264 -11.07 33.10 18.82
CA GLU A 264 -11.65 32.11 19.72
C GLU A 264 -12.75 31.26 19.05
N LYS A 265 -13.73 31.95 18.47
CA LYS A 265 -14.80 31.25 17.74
C LYS A 265 -14.26 30.42 16.57
N CYS A 266 -13.25 30.94 15.87
CA CYS A 266 -12.60 30.16 14.82
C CYS A 266 -12.08 28.81 15.35
N GLY A 267 -11.45 28.84 16.53
CA GLY A 267 -10.91 27.65 17.17
C GLY A 267 -12.03 26.70 17.59
N LEU A 268 -13.11 27.25 18.13
CA LEU A 268 -14.26 26.46 18.56
C LEU A 268 -14.92 25.78 17.38
N ILE A 269 -15.06 26.51 16.26
CA ILE A 269 -15.55 25.91 15.03
C ILE A 269 -14.60 24.83 14.43
N GLY A 270 -13.30 25.05 14.46
CA GLY A 270 -12.32 24.05 14.04
C GLY A 270 -12.52 22.77 14.87
N ALA A 271 -12.69 22.94 16.17
CA ALA A 271 -12.76 21.79 17.06
C ALA A 271 -14.02 20.98 16.82
N ALA A 272 -15.13 21.67 16.56
CA ALA A 272 -16.42 20.99 16.35
C ALA A 272 -16.51 20.36 14.98
N THR A 273 -15.78 20.93 14.01
CA THR A 273 -15.71 20.37 12.67
C THR A 273 -14.98 19.04 12.74
N ALA A 274 -13.84 19.04 13.43
CA ALA A 274 -13.02 17.83 13.59
C ALA A 274 -13.76 16.69 14.31
N SER A 275 -14.60 17.05 15.29
CA SER A 275 -15.39 16.06 16.02
C SER A 275 -16.35 15.26 15.14
N PHE A 276 -16.80 15.86 14.02
CA PHE A 276 -17.64 15.14 13.06
C PHE A 276 -16.81 14.21 12.16
N VAL A 277 -15.68 14.72 11.69
CA VAL A 277 -14.82 13.98 10.73
C VAL A 277 -14.27 12.68 11.34
N VAL A 278 -13.82 12.74 12.59
CA VAL A 278 -13.32 11.54 13.30
C VAL A 278 -14.35 10.41 13.55
N GLU A 279 -15.60 10.64 13.21
CA GLU A 279 -16.66 9.64 13.35
C GLU A 279 -16.71 8.64 12.19
N ALA A 280 -15.89 8.84 11.16
CA ALA A 280 -15.85 7.89 10.04
C ALA A 280 -14.43 7.78 9.52
N LYS A 281 -14.10 6.66 8.86
CA LYS A 281 -12.77 6.51 8.24
C LYS A 281 -12.74 7.28 6.92
N GLY A 282 -11.62 7.95 6.68
CA GLY A 282 -11.43 8.75 5.50
C GLY A 282 -11.44 10.18 5.97
N CYS A 283 -10.54 10.99 5.44
CA CYS A 283 -10.48 12.41 5.85
C CYS A 283 -11.62 13.29 5.40
N GLN A 284 -12.33 12.89 4.36
CA GLN A 284 -13.42 13.69 3.80
C GLN A 284 -14.79 13.02 3.92
N THR A 285 -14.84 11.84 4.50
CA THR A 285 -16.10 11.09 4.59
C THR A 285 -17.21 11.81 5.36
N ASN A 286 -16.93 12.24 6.58
CA ASN A 286 -17.97 12.86 7.43
C ASN A 286 -17.77 14.35 7.66
N LEU A 287 -17.29 15.07 6.64
CA LEU A 287 -17.19 16.52 6.73
C LEU A 287 -18.60 17.15 6.87
N PRO A 288 -18.76 18.01 7.88
CA PRO A 288 -20.10 18.51 8.23
C PRO A 288 -20.42 19.86 7.56
N THR A 289 -21.71 20.19 7.44
CA THR A 289 -22.15 21.51 7.05
C THR A 289 -21.95 22.48 8.22
N TRP A 290 -21.97 23.78 7.90
CA TRP A 290 -21.87 24.82 8.94
C TRP A 290 -22.97 24.73 10.01
N ASP A 291 -24.22 24.48 9.58
CA ASP A 291 -25.32 24.40 10.53
C ASP A 291 -25.10 23.26 11.55
N LYS A 292 -24.69 22.09 11.07
CA LYS A 292 -24.42 20.95 11.97
C LYS A 292 -23.31 21.27 12.96
N VAL A 293 -22.28 21.98 12.49
CA VAL A 293 -21.12 22.27 13.33
C VAL A 293 -21.48 23.24 14.43
N VAL A 294 -22.24 24.26 14.05
CA VAL A 294 -22.72 25.28 14.98
C VAL A 294 -23.68 24.67 15.97
N GLU A 295 -24.62 23.85 15.49
CA GLU A 295 -25.55 23.16 16.38
C GLU A 295 -24.79 22.37 17.45
N ARG A 296 -23.80 21.58 17.03
CA ARG A 296 -22.92 20.87 17.97
C ARG A 296 -22.18 21.80 18.97
N LEU A 297 -21.64 22.92 18.48
CA LEU A 297 -20.92 23.88 19.31
C LEU A 297 -21.75 24.46 20.47
N GLU A 298 -22.97 24.88 20.15
CA GLU A 298 -23.86 25.50 21.14
C GLU A 298 -24.32 24.50 22.20
N LYS A 299 -24.32 23.21 21.84
CA LYS A 299 -24.54 22.11 22.78
C LYS A 299 -23.39 22.03 23.82
N HIS A 300 -22.19 22.47 23.40
CA HIS A 300 -21.06 22.66 24.32
C HIS A 300 -21.14 24.02 25.06
N ARG A 301 -20.01 24.49 25.60
CA ARG A 301 -19.90 25.68 26.43
C ARG A 301 -20.60 25.47 27.77
N GLY B 3 -8.13 -35.29 -16.64
CA GLY B 3 -6.85 -34.57 -16.89
C GLY B 3 -6.06 -35.14 -18.06
N LYS B 4 -5.97 -34.38 -19.16
CA LYS B 4 -5.42 -34.91 -20.42
C LYS B 4 -4.54 -33.95 -21.23
N MET B 5 -4.83 -32.65 -21.15
CA MET B 5 -4.17 -31.65 -22.02
C MET B 5 -2.84 -31.15 -21.46
N GLU B 6 -1.87 -30.90 -22.35
CA GLU B 6 -0.56 -30.32 -21.99
C GLU B 6 -0.75 -28.94 -21.35
N LYS B 7 -1.10 -28.95 -20.07
CA LYS B 7 -1.71 -27.80 -19.43
C LYS B 7 -1.68 -28.02 -17.92
N ILE B 8 -1.33 -26.97 -17.21
CA ILE B 8 -1.25 -26.99 -15.77
C ILE B 8 -2.21 -25.92 -15.23
N THR B 9 -2.99 -26.26 -14.22
CA THR B 9 -3.77 -25.26 -13.49
C THR B 9 -2.96 -24.81 -12.29
N CYS B 10 -2.83 -23.50 -12.07
CA CYS B 10 -2.24 -23.00 -10.82
C CYS B 10 -3.34 -22.35 -10.02
N VAL B 11 -3.41 -22.74 -8.77
CA VAL B 11 -4.45 -22.29 -7.87
C VAL B 11 -3.82 -21.45 -6.77
N GLY B 12 -4.36 -20.27 -6.50
CA GLY B 12 -3.88 -19.53 -5.34
C GLY B 12 -3.63 -18.08 -5.71
N HIS B 13 -2.74 -17.44 -4.97
CA HIS B 13 -2.61 -15.98 -5.08
C HIS B 13 -2.10 -15.48 -6.42
N THR B 14 -2.87 -14.54 -6.99
CA THR B 14 -2.39 -13.63 -8.01
C THR B 14 -2.36 -12.24 -7.34
N ALA B 15 -1.16 -11.64 -7.19
CA ALA B 15 -1.00 -10.52 -6.28
C ALA B 15 -0.05 -9.48 -6.82
N LEU B 16 -0.35 -8.21 -6.56
CA LEU B 16 0.55 -7.12 -6.87
C LEU B 16 1.53 -6.90 -5.71
N ASP B 17 2.82 -6.81 -6.04
CA ASP B 17 3.82 -6.43 -5.04
C ASP B 17 4.34 -5.04 -5.35
N TYR B 18 4.45 -4.24 -4.30
CA TYR B 18 4.95 -2.88 -4.40
C TYR B 18 6.12 -2.73 -3.43
N ILE B 19 7.27 -2.30 -3.95
CA ILE B 19 8.47 -2.13 -3.15
C ILE B 19 8.75 -0.66 -2.87
N PHE B 20 8.87 -0.35 -1.59
CA PHE B 20 9.13 1.00 -1.10
C PHE B 20 10.49 1.05 -0.44
N ASN B 21 11.45 1.72 -1.07
CA ASN B 21 12.77 1.80 -0.47
C ASN B 21 12.89 3.05 0.34
N VAL B 22 13.11 2.85 1.63
CA VAL B 22 13.22 4.00 2.52
C VAL B 22 14.58 4.08 3.20
N GLU B 23 14.87 5.26 3.72
CA GLU B 23 16.06 5.50 4.53
C GLU B 23 15.87 4.81 5.88
N LYS B 24 14.89 5.26 6.64
CA LYS B 24 14.55 4.65 7.91
C LYS B 24 13.04 4.57 8.03
N PHE B 25 12.55 3.52 8.69
CA PHE B 25 11.14 3.40 9.07
C PHE B 25 10.72 4.55 10.01
N PRO B 26 9.47 5.00 9.91
CA PRO B 26 8.95 6.09 10.74
C PRO B 26 8.80 5.68 12.20
N GLU B 27 9.32 6.49 13.10
CA GLU B 27 9.01 6.39 14.53
C GLU B 27 7.54 6.79 14.74
N PRO B 28 6.93 6.37 15.86
CA PRO B 28 5.56 6.79 16.20
C PRO B 28 5.36 8.31 15.98
N ASN B 29 4.21 8.66 15.41
CA ASN B 29 3.84 10.06 15.18
C ASN B 29 4.75 10.84 14.23
N THR B 30 5.30 10.13 13.24
CA THR B 30 6.10 10.72 12.18
C THR B 30 5.67 10.13 10.85
N SER B 31 6.23 10.72 9.79
CA SER B 31 5.89 10.36 8.43
C SER B 31 7.21 10.29 7.64
N ILE B 32 7.24 9.42 6.64
CA ILE B 32 8.33 9.51 5.66
C ILE B 32 7.75 9.71 4.27
N GLN B 33 8.53 10.40 3.45
CA GLN B 33 8.17 10.64 2.06
C GLN B 33 9.20 9.99 1.13
N ILE B 34 8.71 9.36 0.08
CA ILE B 34 9.49 8.64 -0.93
C ILE B 34 8.97 8.98 -2.34
N PRO B 35 9.87 9.12 -3.34
CA PRO B 35 9.46 9.38 -4.74
C PRO B 35 8.41 8.47 -5.32
N SER B 36 8.62 7.17 -5.15
CA SER B 36 7.84 6.17 -5.88
C SER B 36 8.06 4.78 -5.30
N ALA B 37 7.09 3.91 -5.61
CA ALA B 37 7.21 2.50 -5.36
C ALA B 37 7.20 1.77 -6.71
N ARG B 38 8.02 0.73 -6.79
CA ARG B 38 8.10 -0.09 -7.99
C ARG B 38 7.05 -1.19 -7.86
N LYS B 39 6.24 -1.36 -8.90
CA LYS B 39 5.26 -2.43 -8.99
C LYS B 39 5.83 -3.71 -9.64
N TYR B 40 5.48 -4.88 -9.08
CA TYR B 40 5.81 -6.19 -9.65
C TYR B 40 4.56 -7.08 -9.63
N TYR B 41 4.39 -7.82 -10.73
CA TYR B 41 3.39 -8.87 -10.85
C TYR B 41 3.93 -10.06 -10.06
N GLY B 42 3.17 -10.50 -9.06
CA GLY B 42 3.55 -11.57 -8.18
C GLY B 42 2.36 -12.46 -7.83
N GLY B 43 2.44 -13.02 -6.64
CA GLY B 43 1.56 -14.07 -6.18
C GLY B 43 2.08 -15.43 -6.61
N ALA B 44 2.15 -16.38 -5.67
CA ALA B 44 2.79 -17.68 -5.95
C ALA B 44 2.14 -18.42 -7.09
N ALA B 45 0.81 -18.41 -7.16
CA ALA B 45 0.15 -19.14 -8.24
C ALA B 45 0.42 -18.50 -9.60
N ALA B 46 0.24 -17.19 -9.70
CA ALA B 46 0.48 -16.49 -10.96
C ALA B 46 1.98 -16.54 -11.36
N ASN B 47 2.91 -16.44 -10.40
CA ASN B 47 4.38 -16.58 -10.74
C ASN B 47 4.62 -17.94 -11.44
N THR B 48 4.08 -18.99 -10.84
CA THR B 48 4.20 -20.33 -11.40
C THR B 48 3.52 -20.44 -12.77
N ALA B 49 2.27 -19.95 -12.89
CA ALA B 49 1.54 -19.99 -14.18
C ALA B 49 2.26 -19.25 -15.31
N VAL B 50 2.80 -18.10 -15.00
CA VAL B 50 3.53 -17.33 -16.01
C VAL B 50 4.85 -18.02 -16.41
N GLY B 51 5.62 -18.51 -15.44
CA GLY B 51 6.80 -19.33 -15.76
C GLY B 51 6.52 -20.56 -16.60
N ILE B 52 5.45 -21.29 -16.26
CA ILE B 52 5.02 -22.46 -17.07
C ILE B 52 4.70 -22.02 -18.51
N LYS B 53 3.93 -20.94 -18.67
CA LYS B 53 3.60 -20.47 -20.01
C LYS B 53 4.86 -20.07 -20.79
N LYS B 54 5.74 -19.30 -20.14
CA LYS B 54 7.02 -18.93 -20.76
C LYS B 54 7.81 -20.15 -21.26
N LEU B 55 7.68 -21.28 -20.55
CA LEU B 55 8.37 -22.50 -20.95
C LEU B 55 7.66 -23.31 -22.06
N GLY B 56 6.53 -22.79 -22.56
CA GLY B 56 5.83 -23.37 -23.72
C GLY B 56 4.76 -24.38 -23.33
N VAL B 57 4.28 -24.31 -22.08
CA VAL B 57 3.25 -25.21 -21.59
C VAL B 57 2.03 -24.31 -21.26
N ASN B 58 0.85 -24.65 -21.79
CA ASN B 58 -0.34 -23.87 -21.48
C ASN B 58 -0.69 -23.91 -20.00
N SER B 59 -1.09 -22.77 -19.43
CA SER B 59 -1.45 -22.72 -18.00
C SER B 59 -2.75 -21.95 -17.84
N GLU B 60 -3.44 -22.25 -16.75
CA GLU B 60 -4.63 -21.53 -16.37
C GLU B 60 -4.49 -21.15 -14.90
N LEU B 61 -5.17 -20.07 -14.52
CA LEU B 61 -5.08 -19.54 -13.18
C LEU B 61 -6.44 -19.51 -12.49
N LEU B 62 -6.46 -19.96 -11.24
CA LEU B 62 -7.67 -19.86 -10.48
C LEU B 62 -7.29 -19.07 -9.25
N SER B 63 -7.76 -17.82 -9.22
CA SER B 63 -7.40 -16.90 -8.13
C SER B 63 -8.58 -15.98 -7.90
N CYS B 64 -8.69 -15.42 -6.70
CA CYS B 64 -9.63 -14.32 -6.43
C CYS B 64 -8.96 -12.96 -6.63
N VAL B 65 -9.43 -12.17 -7.59
CA VAL B 65 -8.88 -10.85 -7.86
C VAL B 65 -9.92 -9.78 -7.52
N GLY B 66 -9.52 -8.51 -7.46
CA GLY B 66 -10.40 -7.47 -6.99
C GLY B 66 -10.83 -6.52 -8.10
N TYR B 67 -11.51 -5.46 -7.71
CA TYR B 67 -12.06 -4.49 -8.66
C TYR B 67 -11.00 -3.56 -9.30
N ASP B 68 -9.76 -3.69 -8.86
CA ASP B 68 -8.64 -2.94 -9.43
C ASP B 68 -7.80 -3.82 -10.34
N PHE B 69 -8.18 -5.08 -10.48
CA PHE B 69 -7.37 -6.02 -11.24
C PHE B 69 -7.36 -5.67 -12.70
N LYS B 70 -8.44 -4.98 -13.04
CA LYS B 70 -9.65 -5.54 -13.66
C LYS B 70 -9.93 -5.10 -15.09
N ASN B 71 -9.39 -3.95 -15.43
CA ASN B 71 -8.93 -3.66 -16.77
C ASN B 71 -7.50 -3.17 -16.65
N SER B 72 -6.89 -3.31 -15.45
CA SER B 72 -5.63 -2.60 -15.22
C SER B 72 -4.44 -3.39 -15.72
N GLY B 73 -3.29 -3.19 -15.07
CA GLY B 73 -2.05 -3.65 -15.63
C GLY B 73 -1.99 -5.15 -15.60
N TYR B 74 -2.41 -5.74 -14.48
CA TYR B 74 -2.17 -7.16 -14.31
C TYR B 74 -3.05 -7.96 -15.27
N GLU B 75 -4.29 -7.55 -15.43
CA GLU B 75 -5.22 -8.31 -16.26
C GLU B 75 -4.70 -8.35 -17.69
N ARG B 76 -4.32 -7.19 -18.23
CA ARG B 76 -3.87 -7.12 -19.64
C ARG B 76 -2.56 -7.89 -19.91
N TYR B 77 -1.65 -7.82 -18.94
CA TYR B 77 -0.36 -8.51 -18.99
C TYR B 77 -0.55 -10.03 -19.10
N LEU B 78 -1.49 -10.57 -18.32
CA LEU B 78 -1.80 -12.02 -18.38
C LEU B 78 -2.48 -12.41 -19.69
N LYS B 79 -3.44 -11.59 -20.11
CA LYS B 79 -4.12 -11.78 -21.42
C LYS B 79 -3.13 -11.79 -22.56
N ASN B 80 -2.16 -10.87 -22.50
CA ASN B 80 -1.12 -10.75 -23.50
C ASN B 80 -0.19 -11.97 -23.60
N LEU B 81 -0.03 -12.68 -22.49
CA LEU B 81 0.80 -13.87 -22.43
C LEU B 81 -0.04 -15.12 -22.73
N ASP B 82 -1.33 -14.92 -23.04
CA ASP B 82 -2.22 -16.06 -23.36
C ASP B 82 -2.37 -17.05 -22.20
N ILE B 83 -2.31 -16.55 -20.99
CA ILE B 83 -2.65 -17.36 -19.82
C ILE B 83 -4.15 -17.31 -19.60
N ASN B 84 -4.74 -18.50 -19.48
CA ASN B 84 -6.18 -18.62 -19.33
C ASN B 84 -6.59 -18.11 -17.94
N ILE B 85 -7.35 -17.03 -17.90
CA ILE B 85 -7.83 -16.47 -16.65
C ILE B 85 -9.36 -16.54 -16.56
N SER B 86 -9.98 -17.42 -17.35
CA SER B 86 -11.44 -17.67 -17.29
C SER B 86 -11.94 -18.21 -15.91
N LYS B 87 -11.05 -18.79 -15.12
CA LYS B 87 -11.45 -19.28 -13.80
C LYS B 87 -11.23 -18.25 -12.67
N LEU B 88 -10.85 -17.03 -13.01
CA LEU B 88 -10.64 -16.03 -11.94
C LEU B 88 -11.98 -15.64 -11.36
N TYR B 89 -12.00 -15.40 -10.06
CA TYR B 89 -13.19 -14.80 -9.43
C TYR B 89 -12.88 -13.32 -9.24
N TYR B 90 -13.80 -12.44 -9.68
CA TYR B 90 -13.61 -10.98 -9.65
C TYR B 90 -14.46 -10.40 -8.56
N SER B 91 -13.84 -9.93 -7.49
CA SER B 91 -14.62 -9.29 -6.43
C SER B 91 -15.08 -7.91 -6.83
N GLU B 92 -16.34 -7.62 -6.53
CA GLU B 92 -16.82 -6.28 -6.46
C GLU B 92 -16.52 -5.65 -5.07
N GLU B 93 -16.15 -6.40 -4.06
CA GLU B 93 -16.13 -5.70 -2.79
C GLU B 93 -14.75 -5.34 -2.30
N GLU B 94 -13.74 -5.97 -2.89
CA GLU B 94 -12.34 -5.92 -2.35
C GLU B 94 -11.32 -5.75 -3.46
N GLU B 95 -10.17 -5.17 -3.11
CA GLU B 95 -9.05 -5.04 -4.04
C GLU B 95 -8.39 -6.39 -4.23
N THR B 96 -7.64 -6.51 -5.32
CA THR B 96 -6.74 -7.64 -5.58
C THR B 96 -5.74 -7.77 -4.40
N PRO B 97 -5.46 -8.99 -3.94
CA PRO B 97 -4.42 -9.19 -2.93
C PRO B 97 -3.12 -8.50 -3.39
N LYS B 98 -2.36 -7.97 -2.43
CA LYS B 98 -1.15 -7.28 -2.80
C LYS B 98 -0.26 -7.26 -1.58
N ALA B 99 1.04 -7.13 -1.81
CA ALA B 99 1.99 -6.92 -0.69
C ALA B 99 2.60 -5.54 -0.82
N TRP B 100 2.54 -4.75 0.26
CA TRP B 100 3.22 -3.47 0.32
C TRP B 100 4.47 -3.72 1.15
N ILE B 101 5.63 -3.60 0.50
CA ILE B 101 6.89 -4.01 1.12
C ILE B 101 7.81 -2.83 1.33
N PHE B 102 8.03 -2.51 2.60
CA PHE B 102 8.82 -1.32 2.94
C PHE B 102 10.17 -1.82 3.41
N THR B 103 11.23 -1.34 2.79
CA THR B 103 12.56 -1.86 3.08
C THR B 103 13.52 -0.71 3.41
N ASP B 104 14.19 -0.77 4.56
CA ASP B 104 15.10 0.32 4.90
C ASP B 104 16.49 0.25 4.28
N LYS B 105 17.36 1.17 4.70
CA LYS B 105 18.67 1.35 4.09
C LYS B 105 19.62 0.24 4.49
N ASP B 106 19.36 -0.33 5.67
CA ASP B 106 20.15 -1.46 6.17
C ASP B 106 19.51 -2.78 5.75
N ASN B 107 18.49 -2.66 4.91
CA ASN B 107 17.83 -3.82 4.28
C ASN B 107 16.86 -4.63 5.18
N ASN B 108 16.56 -4.11 6.38
CA ASN B 108 15.41 -4.59 7.18
C ASN B 108 14.09 -4.31 6.43
N GLN B 109 13.07 -5.16 6.61
CA GLN B 109 11.83 -5.12 5.80
C GLN B 109 10.55 -5.23 6.65
N ILE B 110 9.51 -4.48 6.30
CA ILE B 110 8.20 -4.65 6.93
C ILE B 110 7.20 -4.82 5.81
N THR B 111 6.43 -5.89 5.84
CA THR B 111 5.49 -6.22 4.77
C THR B 111 4.07 -6.17 5.29
N PHE B 112 3.21 -5.48 4.55
CA PHE B 112 1.79 -5.52 4.82
C PHE B 112 1.16 -6.27 3.66
N PHE B 113 0.57 -7.44 3.94
CA PHE B 113 -0.20 -8.18 2.95
C PHE B 113 -1.71 -7.94 3.06
N LEU B 114 -2.29 -7.50 1.95
CA LEU B 114 -3.71 -7.27 1.86
C LEU B 114 -4.34 -8.59 1.44
N TRP B 115 -5.22 -9.12 2.30
CA TRP B 115 -6.00 -10.33 1.97
C TRP B 115 -7.03 -10.02 0.86
N GLY B 116 -7.82 -8.96 1.07
CA GLY B 116 -8.72 -8.39 0.05
C GLY B 116 -9.64 -9.42 -0.60
N ALA B 117 -9.53 -9.56 -1.92
CA ALA B 117 -10.43 -10.45 -2.64
C ALA B 117 -10.29 -11.94 -2.22
N ALA B 118 -9.16 -12.30 -1.62
CA ALA B 118 -9.03 -13.68 -1.16
C ALA B 118 -10.10 -14.10 -0.14
N LYS B 119 -10.85 -13.13 0.40
CA LYS B 119 -11.97 -13.48 1.27
C LYS B 119 -13.01 -14.32 0.52
N HIS B 120 -13.00 -14.26 -0.80
CA HIS B 120 -14.03 -14.98 -1.56
C HIS B 120 -13.86 -16.50 -1.67
N TYR B 121 -12.66 -17.01 -1.46
CA TYR B 121 -12.47 -18.47 -1.57
C TYR B 121 -13.43 -19.30 -0.71
N LYS B 122 -13.75 -18.82 0.48
CA LYS B 122 -14.62 -19.58 1.37
C LYS B 122 -16.08 -19.68 0.85
N GLU B 123 -16.46 -18.84 -0.11
CA GLU B 123 -17.78 -19.00 -0.74
C GLU B 123 -17.67 -19.74 -2.05
N LEU B 124 -16.45 -20.11 -2.43
CA LEU B 124 -16.26 -20.83 -3.68
C LEU B 124 -15.97 -22.30 -3.44
N ASN B 125 -16.18 -23.09 -4.50
CA ASN B 125 -15.83 -24.50 -4.57
C ASN B 125 -15.13 -24.69 -5.92
N PRO B 126 -14.14 -25.59 -5.98
CA PRO B 126 -13.37 -25.78 -7.22
C PRO B 126 -14.22 -26.44 -8.31
N PRO B 127 -13.91 -26.09 -9.56
CA PRO B 127 -14.48 -26.78 -10.72
C PRO B 127 -13.83 -28.15 -10.92
N ASN B 128 -14.38 -28.98 -11.81
CA ASN B 128 -13.64 -30.10 -12.32
C ASN B 128 -12.47 -29.50 -13.11
N PHE B 129 -11.28 -30.03 -12.92
CA PHE B 129 -10.13 -29.59 -13.73
C PHE B 129 -9.87 -30.57 -14.87
N ASN B 130 -9.52 -30.03 -16.01
CA ASN B 130 -9.23 -30.81 -17.20
C ASN B 130 -7.74 -30.86 -17.58
N THR B 131 -6.88 -30.46 -16.66
CA THR B 131 -5.45 -30.30 -16.90
C THR B 131 -4.68 -31.52 -16.42
N GLU B 132 -3.47 -31.71 -16.96
CA GLU B 132 -2.59 -32.78 -16.48
C GLU B 132 -2.24 -32.65 -15.00
N ILE B 133 -2.00 -31.42 -14.54
CA ILE B 133 -1.48 -31.17 -13.19
C ILE B 133 -2.26 -30.00 -12.62
N VAL B 134 -2.63 -30.11 -11.37
CA VAL B 134 -3.24 -28.99 -10.67
C VAL B 134 -2.23 -28.65 -9.61
N HIS B 135 -1.66 -27.45 -9.71
CA HIS B 135 -0.63 -27.02 -8.78
C HIS B 135 -1.23 -26.03 -7.78
N ILE B 136 -1.11 -26.33 -6.48
CA ILE B 136 -1.77 -25.58 -5.43
C ILE B 136 -0.73 -24.80 -4.60
N ALA B 137 -0.80 -23.47 -4.68
CA ALA B 137 0.25 -22.59 -4.12
C ALA B 137 -0.38 -21.89 -2.97
N THR B 138 0.22 -20.83 -2.49
CA THR B 138 -0.36 -20.09 -1.38
C THR B 138 -1.75 -19.57 -1.73
N GLY B 139 -2.61 -19.46 -0.74
CA GLY B 139 -3.95 -18.93 -1.01
C GLY B 139 -4.83 -19.13 0.19
N ASP B 140 -5.91 -19.88 0.02
CA ASP B 140 -6.80 -20.17 1.15
C ASP B 140 -6.67 -21.68 1.40
N PRO B 141 -6.10 -22.08 2.55
CA PRO B 141 -5.91 -23.51 2.81
C PRO B 141 -7.22 -24.35 2.69
N GLU B 142 -8.36 -23.87 3.19
CA GLU B 142 -9.58 -24.70 3.11
C GLU B 142 -9.99 -24.97 1.66
N PHE B 143 -9.95 -23.92 0.85
CA PHE B 143 -10.23 -24.04 -0.57
C PHE B 143 -9.19 -24.92 -1.27
N ASN B 144 -7.92 -24.77 -0.88
CA ASN B 144 -6.83 -25.56 -1.46
C ASN B 144 -7.00 -27.04 -1.16
N LEU B 145 -7.40 -27.35 0.08
CA LEU B 145 -7.76 -28.73 0.38
C LEU B 145 -8.93 -29.25 -0.50
N LYS B 146 -9.98 -28.43 -0.68
CA LYS B 146 -11.06 -28.83 -1.59
C LYS B 146 -10.49 -29.15 -2.96
N CYS B 147 -9.58 -28.31 -3.44
CA CYS B 147 -8.96 -28.58 -4.76
C CYS B 147 -8.20 -29.87 -4.82
N ALA B 148 -7.39 -30.13 -3.80
CA ALA B 148 -6.60 -31.35 -3.82
C ALA B 148 -7.51 -32.58 -3.73
N LYS B 149 -8.55 -32.50 -2.92
CA LYS B 149 -9.44 -33.66 -2.75
C LYS B 149 -10.27 -33.94 -3.99
N LYS B 150 -10.62 -32.89 -4.72
CA LYS B 150 -11.39 -33.04 -5.96
C LYS B 150 -10.53 -33.56 -7.11
N ALA B 151 -9.29 -33.03 -7.23
CA ALA B 151 -8.37 -33.37 -8.33
C ALA B 151 -7.70 -34.74 -8.19
N TYR B 152 -7.40 -35.13 -6.96
CA TYR B 152 -6.59 -36.33 -6.72
C TYR B 152 -7.25 -37.60 -7.25
N GLY B 153 -6.45 -38.42 -7.95
CA GLY B 153 -7.01 -39.60 -8.63
C GLY B 153 -7.63 -39.24 -9.97
N ASN B 154 -7.54 -37.97 -10.35
CA ASN B 154 -7.99 -37.54 -11.67
C ASN B 154 -6.86 -36.76 -12.34
N ASN B 155 -6.52 -35.61 -11.77
CA ASN B 155 -5.41 -34.83 -12.25
C ASN B 155 -4.32 -35.11 -11.25
N LEU B 156 -3.07 -34.96 -11.69
CA LEU B 156 -1.93 -34.99 -10.79
C LEU B 156 -1.94 -33.76 -9.89
N VAL B 157 -1.75 -33.94 -8.60
CA VAL B 157 -1.73 -32.80 -7.69
C VAL B 157 -0.33 -32.44 -7.27
N SER B 158 0.00 -31.16 -7.44
CA SER B 158 1.22 -30.59 -6.94
C SER B 158 0.85 -29.60 -5.85
N PHE B 159 1.59 -29.60 -4.74
CA PHE B 159 1.26 -28.78 -3.56
C PHE B 159 2.52 -28.21 -2.96
N ASP B 160 2.44 -26.93 -2.65
CA ASP B 160 3.60 -26.16 -2.17
C ASP B 160 2.98 -25.16 -1.21
N PRO B 161 2.81 -25.53 0.04
CA PRO B 161 2.10 -24.70 1.01
C PRO B 161 2.78 -23.34 1.23
N GLY B 162 4.10 -23.29 1.14
CA GLY B 162 4.83 -22.04 1.26
C GLY B 162 4.63 -21.31 2.57
N GLN B 163 4.35 -20.03 2.44
CA GLN B 163 4.20 -19.16 3.61
C GLN B 163 2.84 -19.36 4.32
N ASP B 164 1.92 -20.07 3.66
CA ASP B 164 0.69 -20.54 4.29
C ASP B 164 0.88 -21.66 5.31
N LEU B 165 2.03 -22.32 5.28
CA LEU B 165 2.26 -23.45 6.17
C LEU B 165 1.74 -23.31 7.62
N PRO B 166 2.07 -22.21 8.33
CA PRO B 166 1.62 -22.07 9.73
C PRO B 166 0.10 -22.12 9.93
N GLN B 167 -0.66 -21.91 8.85
CA GLN B 167 -2.12 -21.89 8.92
C GLN B 167 -2.76 -23.27 8.94
N TYR B 168 -2.02 -24.28 8.46
CA TYR B 168 -2.51 -25.66 8.41
C TYR B 168 -2.42 -26.30 9.75
N SER B 169 -3.52 -26.88 10.21
CA SER B 169 -3.48 -27.73 11.38
C SER B 169 -2.76 -29.01 10.95
N LYS B 170 -2.27 -29.76 11.93
CA LYS B 170 -1.68 -31.09 11.68
C LYS B 170 -2.66 -31.97 10.88
N GLU B 171 -3.90 -32.07 11.37
CA GLU B 171 -4.98 -32.77 10.67
C GLU B 171 -5.08 -32.34 9.20
N MET B 172 -5.21 -31.04 9.00
CA MET B 172 -5.45 -30.53 7.67
C MET B 172 -4.25 -30.70 6.75
N LEU B 173 -3.04 -30.52 7.29
CA LEU B 173 -1.82 -30.68 6.50
C LEU B 173 -1.70 -32.14 6.10
N LEU B 174 -1.98 -33.05 7.04
CA LEU B 174 -1.97 -34.49 6.75
C LEU B 174 -2.91 -34.80 5.58
N GLU B 175 -4.13 -34.27 5.68
CA GLU B 175 -5.19 -34.59 4.74
C GLU B 175 -4.86 -34.14 3.33
N ILE B 176 -4.32 -32.93 3.19
CA ILE B 176 -3.90 -32.46 1.87
C ILE B 176 -2.73 -33.25 1.29
N ILE B 177 -1.79 -33.62 2.14
CA ILE B 177 -0.64 -34.43 1.71
C ILE B 177 -1.08 -35.82 1.23
N GLU B 178 -2.13 -36.36 1.86
CA GLU B 178 -2.72 -37.64 1.42
C GLU B 178 -3.37 -37.57 0.04
N HIS B 179 -3.68 -36.36 -0.42
CA HIS B 179 -4.20 -36.14 -1.78
C HIS B 179 -3.17 -35.42 -2.66
N THR B 180 -1.89 -35.63 -2.39
CA THR B 180 -0.85 -34.91 -3.12
C THR B 180 0.06 -35.87 -3.83
N ASN B 181 0.37 -35.58 -5.09
CA ASN B 181 1.39 -36.35 -5.83
C ASN B 181 2.78 -35.78 -5.75
N PHE B 182 2.93 -34.50 -6.04
CA PHE B 182 4.20 -33.81 -5.85
C PHE B 182 4.08 -32.83 -4.70
N LEU B 183 4.97 -32.98 -3.73
CA LEU B 183 4.97 -32.08 -2.60
C LEU B 183 6.26 -31.26 -2.66
N PHE B 184 6.16 -29.94 -2.77
CA PHE B 184 7.36 -29.09 -2.78
C PHE B 184 7.45 -28.28 -1.50
N MET B 185 8.62 -28.21 -0.88
CA MET B 185 8.80 -27.27 0.24
C MET B 185 10.25 -26.82 0.27
N ASN B 186 10.53 -25.56 0.62
CA ASN B 186 11.92 -25.26 1.00
C ASN B 186 12.32 -25.97 2.31
N LYS B 187 13.60 -25.91 2.66
CA LYS B 187 14.11 -26.58 3.84
C LYS B 187 13.44 -26.13 5.15
N HIS B 188 13.20 -24.82 5.32
CA HIS B 188 12.61 -24.28 6.55
C HIS B 188 11.18 -24.79 6.66
N GLU B 189 10.46 -24.74 5.54
CA GLU B 189 9.10 -25.27 5.44
C GLU B 189 9.05 -26.77 5.75
N PHE B 190 9.97 -27.53 5.15
CA PHE B 190 10.06 -28.97 5.37
C PHE B 190 10.36 -29.29 6.85
N GLU B 191 11.28 -28.53 7.43
CA GLU B 191 11.60 -28.64 8.84
C GLU B 191 10.37 -28.34 9.70
N ARG B 192 9.60 -27.35 9.30
CA ARG B 192 8.40 -26.96 10.04
C ARG B 192 7.33 -28.05 9.99
N ALA B 193 7.03 -28.51 8.78
CA ALA B 193 5.95 -29.46 8.57
C ALA B 193 6.28 -30.80 9.23
N SER B 194 7.54 -31.21 9.14
CA SER B 194 7.97 -32.51 9.69
C SER B 194 7.77 -32.56 11.18
N ASN B 195 8.08 -31.43 11.83
CA ASN B 195 7.90 -31.29 13.27
C ASN B 195 6.41 -31.40 13.65
N LEU B 196 5.55 -30.72 12.82
CA LEU B 196 4.12 -30.73 13.01
C LEU B 196 3.54 -32.09 12.98
N LEU B 197 3.90 -32.72 11.88
CA LEU B 197 3.34 -34.00 11.54
C LEU B 197 3.96 -35.16 12.27
N ASN B 198 5.12 -34.95 12.93
CA ASN B 198 5.95 -36.05 13.44
C ASN B 198 6.43 -36.97 12.31
N PHE B 199 6.72 -36.38 11.15
CA PHE B 199 7.14 -37.13 9.97
C PHE B 199 8.64 -37.11 9.72
N GLU B 200 9.09 -38.25 9.19
CA GLU B 200 10.40 -38.38 8.60
C GLU B 200 10.14 -38.53 7.11
N ILE B 201 11.19 -38.55 6.31
CA ILE B 201 11.04 -38.64 4.86
C ILE B 201 10.15 -39.83 4.45
N ASP B 202 10.36 -40.99 5.05
CA ASP B 202 9.61 -42.20 4.67
C ASP B 202 8.10 -42.04 4.88
N ASP B 203 7.71 -41.28 5.89
CA ASP B 203 6.28 -41.01 6.13
C ASP B 203 5.61 -40.21 5.00
N TYR B 204 6.31 -39.21 4.46
CA TYR B 204 5.83 -38.49 3.29
C TYR B 204 5.66 -39.41 2.10
N LEU B 205 6.60 -40.33 1.94
CA LEU B 205 6.63 -41.14 0.75
C LEU B 205 5.61 -42.27 0.79
N GLU B 206 5.11 -42.61 1.98
CA GLU B 206 3.91 -43.43 2.06
C GLU B 206 2.70 -42.76 1.43
N ARG B 207 2.73 -41.42 1.31
CA ARG B 207 1.57 -40.66 0.86
C ARG B 207 1.69 -40.06 -0.53
N VAL B 208 2.89 -39.59 -0.90
CA VAL B 208 3.06 -38.83 -2.16
C VAL B 208 4.03 -39.56 -3.09
N ASP B 209 4.03 -39.21 -4.37
CA ASP B 209 4.94 -39.85 -5.32
C ASP B 209 6.32 -39.22 -5.29
N ALA B 210 6.36 -37.94 -4.94
CA ALA B 210 7.67 -37.26 -4.95
C ALA B 210 7.60 -36.11 -3.99
N LEU B 211 8.60 -36.07 -3.10
CA LEU B 211 8.80 -34.97 -2.17
C LEU B 211 10.04 -34.23 -2.67
N ILE B 212 9.90 -32.93 -2.95
CA ILE B 212 11.01 -32.14 -3.46
C ILE B 212 11.36 -31.07 -2.44
N VAL B 213 12.58 -31.12 -1.91
CA VAL B 213 12.97 -30.11 -0.92
C VAL B 213 14.02 -29.21 -1.57
N THR B 214 13.74 -27.92 -1.65
CA THR B 214 14.62 -26.97 -2.33
C THR B 214 15.48 -26.31 -1.26
N LYS B 215 16.73 -26.00 -1.63
CA LYS B 215 17.70 -25.47 -0.67
C LYS B 215 18.44 -24.26 -1.23
N GLY B 216 17.78 -23.50 -2.10
CA GLY B 216 18.39 -22.35 -2.75
C GLY B 216 19.74 -22.69 -3.38
N SER B 217 20.79 -22.00 -2.94
CA SER B 217 22.10 -22.09 -3.56
C SER B 217 22.84 -23.42 -3.35
N LYS B 218 22.34 -24.24 -2.41
CA LYS B 218 22.83 -25.60 -2.16
C LYS B 218 22.07 -26.67 -2.98
N GLY B 219 21.19 -26.24 -3.87
CA GLY B 219 20.54 -27.13 -4.81
C GLY B 219 19.20 -27.62 -4.29
N SER B 220 18.83 -28.83 -4.67
CA SER B 220 17.59 -29.43 -4.17
C SER B 220 17.77 -30.95 -4.14
N VAL B 221 16.77 -31.68 -3.63
CA VAL B 221 16.76 -33.14 -3.61
C VAL B 221 15.35 -33.61 -3.90
N ILE B 222 15.23 -34.68 -4.68
CA ILE B 222 13.95 -35.27 -4.95
C ILE B 222 13.95 -36.63 -4.29
N TYR B 223 12.93 -36.87 -3.46
CA TYR B 223 12.77 -38.16 -2.82
C TYR B 223 11.59 -38.85 -3.48
N THR B 224 11.81 -40.09 -3.90
CA THR B 224 10.73 -40.97 -4.34
C THR B 224 10.76 -42.24 -3.52
N LYS B 225 9.69 -43.03 -3.63
CA LYS B 225 9.62 -44.35 -3.03
C LYS B 225 10.86 -45.16 -3.38
N ASP B 226 11.40 -44.87 -4.56
CA ASP B 226 12.50 -45.65 -5.11
C ASP B 226 13.91 -45.14 -4.81
N LYS B 227 14.10 -43.82 -4.93
CA LYS B 227 15.42 -43.22 -4.83
C LYS B 227 15.45 -41.82 -4.25
N LYS B 228 16.66 -41.36 -3.94
CA LYS B 228 16.92 -39.97 -3.60
C LYS B 228 17.77 -39.43 -4.75
N ILE B 229 17.35 -38.31 -5.31
CA ILE B 229 18.00 -37.75 -6.46
C ILE B 229 18.53 -36.39 -6.07
N GLU B 230 19.85 -36.20 -6.07
CA GLU B 230 20.40 -34.90 -5.72
C GLU B 230 20.56 -34.00 -6.95
N ILE B 231 19.91 -32.85 -6.89
CA ILE B 231 19.93 -31.86 -7.98
C ILE B 231 20.86 -30.71 -7.59
N PRO B 232 21.83 -30.36 -8.43
CA PRO B 232 22.74 -29.27 -8.09
C PRO B 232 22.05 -27.92 -8.23
N CYS B 233 22.58 -26.92 -7.53
CA CYS B 233 22.27 -25.55 -7.88
C CYS B 233 22.96 -25.25 -9.23
N ILE B 234 22.25 -24.56 -10.11
CA ILE B 234 22.80 -24.10 -11.39
C ILE B 234 23.17 -22.61 -11.26
N LYS B 235 24.40 -22.28 -11.61
CA LYS B 235 24.91 -20.91 -11.49
C LYS B 235 24.12 -19.87 -12.28
N ALA B 236 23.70 -18.83 -11.58
CA ALA B 236 23.09 -17.66 -12.20
C ALA B 236 24.19 -16.77 -12.82
N GLY B 237 23.76 -15.82 -13.66
CA GLY B 237 24.64 -14.77 -14.16
C GLY B 237 25.09 -13.80 -13.09
N LYS B 238 24.17 -13.39 -12.20
CA LYS B 238 24.46 -12.49 -11.08
C LYS B 238 23.22 -12.28 -10.24
N VAL B 239 23.31 -12.56 -8.94
CA VAL B 239 22.13 -12.48 -8.07
C VAL B 239 21.78 -11.05 -7.65
N ILE B 240 20.56 -10.65 -8.03
CA ILE B 240 20.00 -9.34 -7.70
C ILE B 240 18.89 -9.52 -6.66
N ASP B 241 17.88 -10.31 -7.02
CA ASP B 241 16.71 -10.62 -6.19
C ASP B 241 16.55 -12.12 -6.12
N PRO B 242 16.92 -12.75 -5.00
CA PRO B 242 16.80 -14.21 -4.84
C PRO B 242 15.36 -14.75 -4.69
N THR B 243 14.40 -13.83 -4.60
CA THR B 243 12.98 -14.16 -4.48
C THR B 243 12.37 -14.54 -5.83
N GLY B 244 11.48 -15.53 -5.83
CA GLY B 244 10.88 -15.96 -7.08
C GLY B 244 11.59 -17.18 -7.65
N ALA B 245 12.78 -17.46 -7.09
CA ALA B 245 13.51 -18.68 -7.35
C ALA B 245 12.60 -19.84 -7.02
N GLY B 246 11.91 -19.75 -5.88
CA GLY B 246 10.98 -20.80 -5.46
C GLY B 246 9.95 -21.14 -6.52
N ASP B 247 9.08 -20.17 -6.84
CA ASP B 247 8.01 -20.42 -7.78
C ASP B 247 8.51 -20.91 -9.12
N SER B 248 9.63 -20.34 -9.59
CA SER B 248 10.12 -20.66 -10.93
C SER B 248 10.77 -22.06 -10.96
N TYR B 249 11.38 -22.52 -9.85
CA TYR B 249 11.79 -23.92 -9.83
C TYR B 249 10.59 -24.84 -10.04
N ARG B 250 9.47 -24.52 -9.41
CA ARG B 250 8.23 -25.29 -9.57
C ARG B 250 7.74 -25.23 -10.98
N ALA B 251 7.79 -24.03 -11.57
CA ALA B 251 7.43 -23.89 -12.97
C ALA B 251 8.25 -24.82 -13.87
N GLY B 252 9.57 -24.81 -13.72
CA GLY B 252 10.45 -25.62 -14.56
C GLY B 252 10.18 -27.11 -14.39
N PHE B 253 10.19 -27.56 -13.13
CA PHE B 253 9.91 -28.94 -12.73
C PHE B 253 8.59 -29.47 -13.36
N LEU B 254 7.50 -28.74 -13.14
CA LEU B 254 6.19 -29.18 -13.64
C LEU B 254 6.08 -29.10 -15.16
N SER B 255 6.72 -28.09 -15.77
CA SER B 255 6.74 -27.98 -17.24
C SER B 255 7.46 -29.16 -17.83
N ALA B 256 8.63 -29.49 -17.25
CA ALA B 256 9.40 -30.65 -17.71
C ALA B 256 8.61 -31.96 -17.54
N TYR B 257 7.89 -32.10 -16.42
CA TYR B 257 7.12 -33.31 -16.19
C TYR B 257 6.03 -33.49 -17.26
N VAL B 258 5.31 -32.41 -17.55
CA VAL B 258 4.26 -32.47 -18.59
C VAL B 258 4.87 -32.72 -19.98
N LYS B 259 6.06 -32.16 -20.22
CA LYS B 259 6.81 -32.43 -21.48
C LYS B 259 7.40 -33.85 -21.54
N GLY B 260 7.18 -34.67 -20.52
CA GLY B 260 7.52 -36.09 -20.63
C GLY B 260 8.93 -36.50 -20.22
N TYR B 261 9.64 -35.67 -19.45
CA TYR B 261 10.98 -36.00 -18.93
C TYR B 261 10.90 -36.67 -17.55
N ASP B 262 11.96 -37.38 -17.19
CA ASP B 262 11.99 -38.08 -15.90
C ASP B 262 12.32 -37.09 -14.78
N LEU B 263 12.11 -37.53 -13.53
CA LEU B 263 12.09 -36.61 -12.39
C LEU B 263 13.42 -35.93 -12.20
N GLU B 264 14.51 -36.62 -12.52
CA GLU B 264 15.82 -36.02 -12.40
C GLU B 264 15.89 -34.80 -13.31
N LYS B 265 15.54 -34.99 -14.58
CA LYS B 265 15.64 -33.91 -15.53
C LYS B 265 14.66 -32.79 -15.15
N CYS B 266 13.49 -33.15 -14.60
CA CYS B 266 12.53 -32.15 -14.09
C CYS B 266 13.15 -31.24 -13.02
N GLY B 267 13.87 -31.84 -12.08
CA GLY B 267 14.65 -31.11 -11.10
C GLY B 267 15.73 -30.22 -11.72
N LEU B 268 16.45 -30.75 -12.71
CA LEU B 268 17.48 -29.99 -13.42
C LEU B 268 16.92 -28.75 -14.12
N ILE B 269 15.81 -28.95 -14.83
CA ILE B 269 15.13 -27.87 -15.52
C ILE B 269 14.62 -26.84 -14.49
N GLY B 270 14.04 -27.33 -13.40
CA GLY B 270 13.65 -26.47 -12.29
C GLY B 270 14.81 -25.61 -11.81
N ALA B 271 15.97 -26.24 -11.58
CA ALA B 271 17.15 -25.55 -11.05
C ALA B 271 17.65 -24.50 -12.06
N ALA B 272 17.61 -24.86 -13.33
CA ALA B 272 18.07 -23.98 -14.38
C ALA B 272 17.11 -22.81 -14.64
N THR B 273 15.81 -23.04 -14.42
CA THR B 273 14.81 -21.96 -14.57
C THR B 273 15.02 -20.92 -13.48
N ALA B 274 15.14 -21.39 -12.24
CA ALA B 274 15.32 -20.48 -11.10
C ALA B 274 16.58 -19.64 -11.27
N SER B 275 17.63 -20.19 -11.87
CA SER B 275 18.89 -19.48 -12.07
C SER B 275 18.74 -18.22 -12.92
N PHE B 276 17.68 -18.15 -13.73
CA PHE B 276 17.44 -16.97 -14.54
C PHE B 276 16.67 -15.96 -13.72
N VAL B 277 15.81 -16.45 -12.83
CA VAL B 277 14.90 -15.58 -12.09
C VAL B 277 15.60 -14.71 -11.05
N VAL B 278 16.63 -15.27 -10.42
CA VAL B 278 17.42 -14.52 -9.44
C VAL B 278 18.21 -13.37 -10.06
N GLU B 279 18.33 -13.36 -11.39
CA GLU B 279 19.08 -12.32 -12.10
C GLU B 279 18.37 -10.98 -12.28
N ALA B 280 17.17 -10.83 -11.72
CA ALA B 280 16.50 -9.52 -11.75
C ALA B 280 15.54 -9.33 -10.57
N LYS B 281 15.20 -8.09 -10.27
CA LYS B 281 14.18 -7.81 -9.28
C LYS B 281 12.81 -8.17 -9.83
N GLY B 282 11.97 -8.78 -9.02
CA GLY B 282 10.65 -9.22 -9.46
C GLY B 282 10.62 -10.72 -9.73
N CYS B 283 9.46 -11.31 -9.46
CA CYS B 283 9.31 -12.75 -9.51
C CYS B 283 9.07 -13.24 -10.94
N GLN B 284 8.62 -12.34 -11.81
CA GLN B 284 8.22 -12.71 -13.17
C GLN B 284 9.04 -12.01 -14.24
N THR B 285 10.02 -11.22 -13.85
CA THR B 285 10.59 -10.25 -14.79
C THR B 285 11.66 -10.85 -15.70
N ASN B 286 12.29 -11.94 -15.24
CA ASN B 286 13.35 -12.60 -16.02
C ASN B 286 13.08 -14.09 -16.24
N LEU B 287 11.82 -14.44 -16.44
CA LEU B 287 11.48 -15.82 -16.72
C LEU B 287 11.98 -16.22 -18.12
N PRO B 288 12.69 -17.34 -18.18
CA PRO B 288 13.26 -17.84 -19.44
C PRO B 288 12.31 -18.71 -20.30
N THR B 289 12.66 -18.83 -21.58
CA THR B 289 12.06 -19.78 -22.52
C THR B 289 12.65 -21.18 -22.34
N TRP B 290 12.04 -22.18 -22.99
CA TRP B 290 12.48 -23.56 -22.85
C TRP B 290 13.91 -23.73 -23.40
N ASP B 291 14.13 -23.20 -24.59
CA ASP B 291 15.42 -23.30 -25.25
C ASP B 291 16.55 -22.67 -24.45
N LYS B 292 16.26 -21.55 -23.79
CA LYS B 292 17.26 -20.87 -22.98
C LYS B 292 17.61 -21.67 -21.73
N VAL B 293 16.58 -22.22 -21.05
CA VAL B 293 16.77 -23.17 -19.96
C VAL B 293 17.65 -24.35 -20.41
N VAL B 294 17.26 -25.03 -21.49
CA VAL B 294 18.02 -26.20 -21.95
C VAL B 294 19.47 -25.82 -22.30
N GLU B 295 19.66 -24.63 -22.86
CA GLU B 295 21.01 -24.14 -23.19
C GLU B 295 21.88 -23.91 -21.93
N ARG B 296 21.30 -23.31 -20.90
CA ARG B 296 22.07 -23.03 -19.70
C ARG B 296 22.47 -24.32 -18.99
N LEU B 297 21.56 -25.30 -19.01
CA LEU B 297 21.80 -26.59 -18.40
C LEU B 297 22.87 -27.35 -19.17
N GLU B 298 22.97 -27.04 -20.46
CA GLU B 298 23.89 -27.73 -21.35
C GLU B 298 25.37 -27.40 -21.04
N LYS B 299 25.64 -26.20 -20.54
CA LYS B 299 27.02 -25.81 -20.19
C LYS B 299 27.51 -26.33 -18.83
N HIS B 300 26.66 -26.27 -17.81
CA HIS B 300 27.03 -26.68 -16.46
C HIS B 300 26.65 -28.13 -16.18
O5' ADN C . -3.59 15.39 6.98
C5' ADN C . -4.03 14.07 6.69
C4' ADN C . -3.56 13.77 5.26
O4' ADN C . -2.15 13.93 5.09
C3' ADN C . -4.01 12.51 4.49
O3' ADN C . -5.15 12.67 3.65
C2' ADN C . -2.78 12.04 3.69
O2' ADN C . -2.91 12.09 2.28
C1' ADN C . -1.68 13.05 4.06
N9 ADN C . -0.38 12.51 4.39
C8 ADN C . -0.08 11.43 5.15
N7 ADN C . 1.29 11.30 5.25
C5 ADN C . 1.84 12.33 4.59
C6 ADN C . 3.15 12.87 4.25
N6 ADN C . 4.22 12.24 4.70
N1 ADN C . 3.27 13.99 3.48
C2 ADN C . 2.21 14.69 3.02
N3 ADN C . 0.95 14.29 3.29
C4 ADN C . 0.75 13.09 4.06
MG MG D . -1.84 17.80 9.99
MG MG E . 7.53 40.16 10.23
PG ANP F . -2.86 12.83 12.54
O1G ANP F . -3.57 12.36 11.19
O2G ANP F . -2.13 11.63 13.28
O3G ANP F . -1.77 13.92 12.14
PB ANP F . -3.35 14.56 14.85
O1B ANP F . -2.25 13.80 15.71
O2B ANP F . -2.62 15.62 13.87
N3B ANP F . -4.03 13.47 13.68
PA ANP F . -4.66 16.81 15.88
O1A ANP F . -3.71 17.63 16.87
O2A ANP F . -4.51 17.37 14.39
O3A ANP F . -4.46 15.21 15.87
O5' ANP F . -6.18 17.08 16.33
C5' ANP F . -6.74 18.22 15.70
C4' ANP F . -8.01 18.63 16.42
O4' ANP F . -9.14 17.81 16.10
C3' ANP F . -7.95 18.79 17.94
O3' ANP F . -7.48 20.01 18.44
C2' ANP F . -9.29 18.29 18.43
O2' ANP F . -10.12 19.45 18.57
C1' ANP F . -9.94 17.58 17.26
N9 ANP F . -9.86 16.17 17.67
C8 ANP F . -8.78 15.34 17.67
N7 ANP F . -9.03 14.08 18.15
C5 ANP F . -10.32 14.10 18.49
C6 ANP F . -11.32 13.18 19.06
N6 ANP F . -10.90 11.92 19.35
N1 ANP F . -12.61 13.61 19.24
C2 ANP F . -13.05 14.85 18.93
N3 ANP F . -12.23 15.79 18.40
C4 ANP F . -10.84 15.42 18.18
O5' ADN G . 5.08 -16.20 -1.97
C5' ADN G . 5.44 -15.40 -3.11
C4' ADN G . 4.27 -14.51 -3.56
O4' ADN G . 3.21 -14.61 -2.60
C3' ADN G . 4.60 -13.03 -3.73
O3' ADN G . 4.55 -12.56 -5.08
C2' ADN G . 3.63 -12.29 -2.82
O2' ADN G . 2.75 -11.46 -3.55
C1' ADN G . 2.77 -13.33 -2.14
N9 ADN G . 2.82 -13.15 -0.65
C8 ADN G . 3.62 -12.29 0.03
N7 ADN G . 3.45 -12.33 1.38
C5 ADN G . 2.48 -13.24 1.60
C6 ADN G . 1.73 -13.84 2.75
N6 ADN G . 2.01 -13.44 4.00
N1 ADN G . 0.77 -14.78 2.50
C2 ADN G . 0.47 -15.21 1.26
N3 ADN G . 1.06 -14.74 0.15
C4 ADN G . 2.09 -13.73 0.29
MG MG H . 7.88 -20.81 -2.11
MG MG I . -2.43 -42.63 -0.37
PG ANP J . 12.01 -17.61 -2.42
O1G ANP J . 12.06 -16.03 -2.30
O2G ANP J . 10.57 -18.13 -1.99
O3G ANP J . 12.32 -18.05 -3.92
PB ANP J . 13.36 -20.04 -1.29
O1B ANP J . 13.93 -20.50 0.13
O2B ANP J . 11.94 -20.67 -1.56
N3B ANP J . 13.19 -18.30 -1.33
PA ANP J . 14.46 -22.01 -2.82
O1A ANP J . 15.17 -22.89 -1.70
O2A ANP J . 13.00 -22.57 -3.08
O3A ANP J . 14.42 -20.47 -2.42
O5' ANP J . 15.27 -21.96 -4.21
C5' ANP J . 14.61 -22.42 -5.38
C4' ANP J . 15.54 -23.10 -6.37
O4' ANP J . 16.15 -22.13 -7.24
C3' ANP J . 16.66 -23.96 -5.79
O3' ANP J . 16.40 -25.35 -5.73
C2' ANP J . 17.93 -23.55 -6.53
O2' ANP J . 18.34 -24.61 -7.42
C1' ANP J . 17.56 -22.34 -7.37
N9 ANP J . 18.31 -21.22 -6.74
C8 ANP J . 18.04 -20.63 -5.53
N7 ANP J . 18.93 -19.64 -5.20
C5 ANP J . 19.81 -19.56 -6.21
C6 ANP J . 21.02 -18.78 -6.58
N6 ANP J . 21.49 -17.81 -5.75
N1 ANP J . 21.63 -19.06 -7.76
C2 ANP J . 21.21 -20.00 -8.63
N3 ANP J . 20.12 -20.78 -8.40
C4 ANP J . 19.39 -20.59 -7.17
#